data_3NCV
#
_entry.id   3NCV
#
_cell.length_a   49.500
_cell.length_b   62.100
_cell.length_c   92.100
_cell.angle_alpha   90.00
_cell.angle_beta   104.60
_cell.angle_gamma   90.00
#
_symmetry.space_group_name_H-M   'P 1 21 1'
#
loop_
_entity.id
_entity.type
_entity.pdbx_description
1 polymer 'DNA mismatch repair protein mutL'
2 water water
#
_entity_poly.entity_id   1
_entity_poly.type   'polypeptide(L)'
_entity_poly.pdbx_seq_one_letter_code
;TMGSSHHHHHHSSGLVPRGSHSQSELPPLGFAIAQLLGIYILAQAEDSLLLIDMHAAAERVNYEKMKRQRQENGNLQSQH
LLIPVTFAASHEECAALADHAETLAGFGLELSDMGGNTLAVRAAPVMLGKSDVVSLARDVLGELAQVGSSQTIASHENRI
LATMSCHGSIRAGRRLTLPEMNALLRDMENTPRSNQCNHGRPTWVKLTLKELDTLFLRGQ
;
_entity_poly.pdbx_strand_id   A,B
#
# COMPACT_ATOMS: atom_id res chain seq x y z
N GLU A 25 2.75 10.39 -19.26
CA GLU A 25 2.12 9.21 -18.60
C GLU A 25 1.40 9.50 -17.25
N LEU A 26 1.83 8.81 -16.19
CA LEU A 26 0.99 8.62 -15.00
C LEU A 26 0.26 9.91 -14.51
N PRO A 27 -0.99 9.80 -14.03
CA PRO A 27 -1.50 11.02 -13.45
C PRO A 27 -0.72 11.42 -12.17
N PRO A 28 -0.83 12.69 -11.76
CA PRO A 28 -0.05 13.21 -10.64
C PRO A 28 -0.34 12.50 -9.32
N LEU A 29 -1.57 12.08 -9.04
CA LEU A 29 -1.83 11.33 -7.81
C LEU A 29 -1.62 9.81 -7.97
N GLY A 30 -1.24 9.36 -9.16
CA GLY A 30 -0.91 7.95 -9.36
C GLY A 30 -2.09 7.05 -9.08
N PHE A 31 -1.83 5.76 -8.79
CA PHE A 31 -2.90 4.77 -8.66
C PHE A 31 -2.94 4.13 -7.27
N ALA A 32 -4.13 3.88 -6.80
CA ALA A 32 -4.36 3.32 -5.48
C ALA A 32 -3.68 1.99 -5.34
N ILE A 33 -2.96 1.74 -4.26
CA ILE A 33 -2.48 0.37 -4.07
C ILE A 33 -3.06 -0.23 -2.82
N ALA A 34 -3.48 0.60 -1.89
CA ALA A 34 -4.10 0.09 -0.69
C ALA A 34 -4.75 1.20 0.10
N GLN A 35 -5.48 0.80 1.13
CA GLN A 35 -6.09 1.63 2.16
C GLN A 35 -5.36 1.36 3.52
N LEU A 36 -5.14 2.38 4.34
CA LEU A 36 -4.31 2.16 5.54
C LEU A 36 -5.01 2.68 6.76
N LEU A 37 -5.15 1.81 7.77
CA LEU A 37 -5.69 2.17 9.09
C LEU A 37 -7.03 2.84 9.04
N GLY A 38 -7.80 2.47 8.03
CA GLY A 38 -9.11 3.04 7.78
C GLY A 38 -9.11 4.44 7.24
N ILE A 39 -7.98 5.13 7.30
CA ILE A 39 -7.90 6.60 7.22
C ILE A 39 -7.22 7.14 5.94
N TYR A 40 -6.40 6.30 5.33
CA TYR A 40 -5.53 6.85 4.28
C TYR A 40 -5.66 5.96 3.08
N ILE A 41 -5.58 6.59 1.91
CA ILE A 41 -5.37 5.84 0.68
C ILE A 41 -3.87 5.94 0.38
N LEU A 42 -3.28 4.82 0.01
CA LEU A 42 -1.90 4.76 -0.42
C LEU A 42 -1.91 4.66 -1.92
N ALA A 43 -1.15 5.49 -2.60
CA ALA A 43 -1.14 5.46 -4.07
C ALA A 43 0.28 5.42 -4.54
N GLN A 44 0.51 4.88 -5.74
CA GLN A 44 1.83 4.86 -6.29
C GLN A 44 1.84 5.75 -7.50
N ALA A 45 2.59 6.82 -7.46
CA ALA A 45 2.72 7.65 -8.68
C ALA A 45 4.10 7.36 -9.18
N GLU A 46 4.62 8.13 -10.13
CA GLU A 46 5.98 7.85 -10.61
C GLU A 46 7.06 8.18 -9.60
N ASP A 47 7.91 7.21 -9.32
CA ASP A 47 8.99 7.41 -8.37
C ASP A 47 8.53 7.91 -6.96
N SER A 48 7.24 7.74 -6.61
CA SER A 48 6.77 8.18 -5.29
C SER A 48 5.62 7.42 -4.62
N LEU A 49 5.52 7.58 -3.32
CA LEU A 49 4.36 7.10 -2.61
C LEU A 49 3.56 8.32 -2.27
N LEU A 50 2.25 8.24 -2.42
CA LEU A 50 1.34 9.24 -1.86
C LEU A 50 0.49 8.64 -0.77
N LEU A 51 0.20 9.45 0.25
CA LEU A 51 -0.78 9.15 1.30
C LEU A 51 -1.82 10.21 1.22
N ILE A 52 -3.06 9.80 1.07
CA ILE A 52 -4.12 10.76 0.95
C ILE A 52 -4.99 10.69 2.20
N ASP A 53 -5.40 11.82 2.76
CA ASP A 53 -6.31 11.82 3.92
C ASP A 53 -7.69 11.73 3.26
N MET A 54 -8.13 10.51 3.12
CA MET A 54 -9.33 10.10 2.42
C MET A 54 -10.58 10.98 2.74
N HIS A 55 -10.96 11.04 4.02
CA HIS A 55 -12.07 11.86 4.43
C HIS A 55 -11.90 13.30 4.10
N ALA A 56 -10.75 13.89 4.44
CA ALA A 56 -10.52 15.27 4.12
C ALA A 56 -10.55 15.50 2.58
N ALA A 57 -9.97 14.60 1.80
CA ALA A 57 -9.97 14.79 0.36
C ALA A 57 -11.39 14.77 -0.20
N ALA A 58 -12.18 13.78 0.25
CA ALA A 58 -13.58 13.62 -0.17
C ALA A 58 -14.45 14.83 0.21
N GLU A 59 -14.27 15.36 1.42
CA GLU A 59 -15.05 16.50 1.87
C GLU A 59 -14.76 17.66 1.01
N ARG A 60 -13.46 17.94 0.90
CA ARG A 60 -13.02 19.01 0.00
C ARG A 60 -13.52 18.86 -1.42
N VAL A 61 -13.28 17.70 -2.03
CA VAL A 61 -13.79 17.47 -3.39
C VAL A 61 -15.30 17.77 -3.43
N ASN A 62 -16.09 17.22 -2.49
CA ASN A 62 -17.53 17.37 -2.50
C ASN A 62 -17.98 18.82 -2.36
N TYR A 63 -17.40 19.53 -1.42
CA TYR A 63 -17.64 20.94 -1.25
C TYR A 63 -17.47 21.68 -2.59
N GLU A 64 -16.26 21.64 -3.15
CA GLU A 64 -16.00 22.32 -4.43
C GLU A 64 -16.94 21.90 -5.53
N LYS A 65 -17.21 20.60 -5.72
CA LYS A 65 -18.17 20.25 -6.77
C LYS A 65 -19.47 21.02 -6.49
N MET A 66 -19.97 20.96 -5.26
CA MET A 66 -21.28 21.49 -4.97
C MET A 66 -21.33 23.03 -5.06
N LYS A 67 -20.49 23.72 -4.29
CA LYS A 67 -20.45 25.16 -4.26
C LYS A 67 -20.34 25.72 -5.69
N ARG A 68 -19.60 25.05 -6.55
CA ARG A 68 -19.48 25.43 -7.95
C ARG A 68 -20.81 25.23 -8.68
N GLN A 69 -21.48 24.10 -8.44
CA GLN A 69 -22.78 23.88 -9.07
C GLN A 69 -23.79 24.94 -8.60
N ARG A 70 -23.76 25.28 -7.32
CA ARG A 70 -24.61 26.32 -6.79
C ARG A 70 -24.42 27.71 -7.43
N GLN A 71 -23.17 28.11 -7.67
CA GLN A 71 -22.91 29.39 -8.35
C GLN A 71 -23.13 29.34 -9.86
N GLU A 72 -22.64 28.29 -10.52
CA GLU A 72 -22.98 28.02 -11.92
C GLU A 72 -24.48 27.91 -12.18
N ASN A 73 -25.15 26.95 -11.54
CA ASN A 73 -26.54 26.62 -11.85
C ASN A 73 -27.60 27.20 -10.88
N GLY A 74 -27.14 27.84 -9.81
CA GLY A 74 -28.09 28.34 -8.81
C GLY A 74 -28.63 27.30 -7.84
N ASN A 75 -28.61 26.02 -8.22
CA ASN A 75 -29.21 24.94 -7.44
C ASN A 75 -28.49 23.58 -7.70
N LEU A 76 -28.55 22.65 -6.76
CA LEU A 76 -27.87 21.38 -7.00
C LEU A 76 -28.76 20.46 -7.78
N GLN A 77 -28.19 19.77 -8.76
CA GLN A 77 -28.94 18.83 -9.58
C GLN A 77 -29.26 17.60 -8.77
N SER A 78 -30.54 17.40 -8.48
CA SER A 78 -30.95 16.25 -7.71
C SER A 78 -31.16 15.05 -8.61
N GLN A 79 -31.25 13.88 -8.00
CA GLN A 79 -31.57 12.65 -8.73
C GLN A 79 -32.55 11.80 -7.93
N HIS A 80 -33.57 11.31 -8.63
CA HIS A 80 -34.68 10.56 -7.99
C HIS A 80 -34.33 9.14 -7.57
N LEU A 81 -34.77 8.75 -6.39
CA LEU A 81 -34.53 7.40 -5.94
C LEU A 81 -35.61 6.54 -6.60
N LEU A 82 -35.26 5.33 -7.02
CA LEU A 82 -36.27 4.46 -7.60
C LEU A 82 -37.28 4.05 -6.57
N ILE A 83 -36.82 3.71 -5.38
CA ILE A 83 -37.72 3.43 -4.28
C ILE A 83 -37.46 4.48 -3.21
N PRO A 84 -38.44 5.36 -2.95
CA PRO A 84 -38.16 6.38 -1.92
C PRO A 84 -37.69 5.74 -0.61
N VAL A 85 -36.83 6.44 0.16
CA VAL A 85 -36.34 5.89 1.40
C VAL A 85 -37.07 6.55 2.54
N THR A 86 -37.74 5.76 3.37
CA THR A 86 -38.52 6.39 4.43
C THR A 86 -37.75 6.34 5.73
N PHE A 87 -38.06 7.26 6.61
CA PHE A 87 -37.44 7.25 7.93
C PHE A 87 -38.34 7.92 8.94
N ALA A 88 -38.13 7.58 10.20
CA ALA A 88 -38.89 8.21 11.26
C ALA A 88 -38.26 9.55 11.56
N ALA A 89 -39.04 10.62 11.65
CA ALA A 89 -38.46 11.93 11.85
C ALA A 89 -38.94 12.61 13.12
N SER A 90 -38.25 13.65 13.56
CA SER A 90 -38.65 14.34 14.77
C SER A 90 -39.69 15.34 14.33
N HIS A 91 -40.46 15.88 15.26
CA HIS A 91 -41.30 16.98 14.91
C HIS A 91 -40.51 18.12 14.25
N GLU A 92 -39.31 18.41 14.74
CA GLU A 92 -38.52 19.55 14.22
C GLU A 92 -38.12 19.37 12.75
N GLU A 93 -37.86 18.15 12.36
CA GLU A 93 -37.51 17.83 11.00
C GLU A 93 -38.70 17.99 10.10
N CYS A 94 -39.87 17.58 10.58
CA CYS A 94 -41.12 17.72 9.86
C CYS A 94 -41.43 19.20 9.63
N ALA A 95 -41.28 20.02 10.67
CA ALA A 95 -41.53 21.48 10.55
C ALA A 95 -40.51 22.10 9.63
N ALA A 96 -39.28 21.62 9.69
CA ALA A 96 -38.25 22.08 8.77
C ALA A 96 -38.65 21.78 7.31
N LEU A 97 -39.11 20.54 7.04
CA LEU A 97 -39.55 20.18 5.67
C LEU A 97 -40.65 21.16 5.21
N ALA A 98 -41.66 21.36 6.06
CA ALA A 98 -42.76 22.22 5.76
C ALA A 98 -42.28 23.63 5.46
N ASP A 99 -41.26 24.11 6.14
CA ASP A 99 -40.81 25.48 5.91
C ASP A 99 -39.93 25.72 4.68
N HIS A 100 -39.19 24.70 4.22
CA HIS A 100 -38.03 24.90 3.36
C HIS A 100 -38.00 23.93 2.23
N ALA A 101 -39.15 23.47 1.82
CA ALA A 101 -39.20 22.56 0.70
C ALA A 101 -38.43 23.13 -0.48
N GLU A 102 -38.62 24.44 -0.74
CA GLU A 102 -38.01 25.12 -1.87
C GLU A 102 -36.52 25.25 -1.64
N THR A 103 -36.13 25.77 -0.49
CA THR A 103 -34.71 25.74 -0.18
C THR A 103 -34.10 24.33 -0.35
N LEU A 104 -34.78 23.28 0.10
CA LEU A 104 -34.21 21.93 0.01
C LEU A 104 -33.99 21.49 -1.41
N ALA A 105 -34.99 21.68 -2.26
CA ALA A 105 -34.81 21.46 -3.70
C ALA A 105 -33.62 22.24 -4.21
N GLY A 106 -33.35 23.40 -3.64
CA GLY A 106 -32.15 24.16 -4.06
C GLY A 106 -30.87 23.38 -3.76
N PHE A 107 -30.96 22.49 -2.77
CA PHE A 107 -29.81 21.73 -2.37
C PHE A 107 -29.88 20.29 -2.89
N GLY A 108 -30.68 20.09 -3.94
CA GLY A 108 -30.89 18.79 -4.55
C GLY A 108 -31.57 17.71 -3.71
N LEU A 109 -32.40 18.15 -2.77
CA LEU A 109 -33.13 17.19 -1.91
C LEU A 109 -34.61 17.38 -2.02
N GLU A 110 -35.33 16.28 -2.20
CA GLU A 110 -36.80 16.29 -2.16
C GLU A 110 -37.36 15.22 -1.24
N LEU A 111 -38.24 15.63 -0.34
CA LEU A 111 -38.78 14.72 0.66
C LEU A 111 -40.30 14.82 0.67
N SER A 112 -40.99 13.81 1.15
CA SER A 112 -42.44 13.89 1.37
C SER A 112 -42.76 13.64 2.81
N ASP A 113 -43.71 14.40 3.35
CA ASP A 113 -44.17 14.15 4.67
C ASP A 113 -44.84 12.81 4.94
N MET A 114 -45.89 12.37 4.31
CA MET A 114 -46.37 10.99 4.70
C MET A 114 -47.15 10.82 6.00
N GLY A 115 -46.95 11.68 6.96
CA GLY A 115 -47.74 11.58 8.17
C GLY A 115 -47.16 10.63 9.20
N GLY A 116 -47.66 10.77 10.43
CA GLY A 116 -47.12 10.08 11.61
C GLY A 116 -45.63 10.34 11.81
N ASN A 117 -45.15 11.51 11.40
CA ASN A 117 -43.73 11.84 11.56
C ASN A 117 -42.79 10.86 10.83
N THR A 118 -43.27 10.30 9.73
CA THR A 118 -42.44 9.55 8.83
C THR A 118 -42.18 10.49 7.65
N LEU A 119 -40.92 10.65 7.24
CA LEU A 119 -40.62 11.37 6.02
C LEU A 119 -40.10 10.38 5.01
N ALA A 120 -40.27 10.72 3.74
CA ALA A 120 -39.67 9.93 2.63
C ALA A 120 -38.71 10.78 1.84
N VAL A 121 -37.57 10.20 1.48
CA VAL A 121 -36.63 10.86 0.59
C VAL A 121 -36.93 10.40 -0.83
N ARG A 122 -37.24 11.35 -1.68
CA ARG A 122 -37.55 11.02 -3.05
C ARG A 122 -36.36 11.28 -3.98
N ALA A 123 -35.44 12.16 -3.57
CA ALA A 123 -34.33 12.59 -4.44
C ALA A 123 -33.24 13.21 -3.58
N ALA A 124 -31.99 12.96 -3.99
CA ALA A 124 -30.78 13.34 -3.30
C ALA A 124 -29.75 13.87 -4.35
N PRO A 125 -28.77 14.65 -3.90
CA PRO A 125 -27.92 15.29 -4.93
C PRO A 125 -27.11 14.31 -5.78
N VAL A 126 -27.13 14.51 -7.10
CA VAL A 126 -26.30 13.78 -8.05
C VAL A 126 -24.87 13.62 -7.52
N MET A 127 -24.26 14.74 -7.12
CA MET A 127 -22.84 14.78 -6.67
C MET A 127 -22.58 13.92 -5.45
N LEU A 128 -23.60 13.30 -4.86
CA LEU A 128 -23.37 12.40 -3.72
C LEU A 128 -23.59 10.89 -4.05
N GLY A 129 -23.08 10.00 -3.21
CA GLY A 129 -23.12 8.54 -3.49
C GLY A 129 -24.20 7.90 -2.63
N LYS A 130 -25.38 8.54 -2.66
CA LYS A 130 -26.45 8.20 -1.71
C LYS A 130 -25.83 8.59 -0.31
N SER A 131 -25.72 7.62 0.59
CA SER A 131 -24.81 7.77 1.73
C SER A 131 -25.59 7.67 2.97
N ASP A 132 -26.62 6.89 2.88
CA ASP A 132 -27.61 7.14 3.84
C ASP A 132 -28.06 8.55 3.43
N VAL A 133 -28.97 8.55 2.47
CA VAL A 133 -29.67 9.72 2.11
C VAL A 133 -30.43 10.18 3.33
N VAL A 134 -30.73 9.26 4.23
CA VAL A 134 -31.47 9.59 5.46
C VAL A 134 -30.59 10.45 6.35
N SER A 135 -29.34 10.04 6.50
CA SER A 135 -28.37 10.78 7.29
C SER A 135 -28.21 12.20 6.75
N LEU A 136 -28.09 12.29 5.42
CA LEU A 136 -27.90 13.54 4.71
C LEU A 136 -29.15 14.44 4.92
N ALA A 137 -30.31 13.90 4.65
CA ALA A 137 -31.57 14.62 4.85
C ALA A 137 -31.64 15.11 6.28
N ARG A 138 -31.30 14.25 7.22
CA ARG A 138 -31.33 14.65 8.62
C ARG A 138 -30.36 15.76 8.94
N ASP A 139 -29.15 15.66 8.43
CA ASP A 139 -28.23 16.74 8.67
C ASP A 139 -28.72 18.01 8.01
N VAL A 140 -29.09 17.98 6.72
CA VAL A 140 -29.53 19.22 6.10
C VAL A 140 -30.80 19.81 6.78
N LEU A 141 -31.81 18.98 7.05
CA LEU A 141 -33.00 19.45 7.77
C LEU A 141 -32.58 20.11 9.07
N GLY A 142 -31.69 19.46 9.82
CA GLY A 142 -31.16 20.03 11.09
C GLY A 142 -30.54 21.40 10.90
N GLU A 143 -29.80 21.58 9.82
CA GLU A 143 -29.09 22.81 9.54
C GLU A 143 -30.11 23.88 9.16
N LEU A 144 -31.29 23.45 8.78
CA LEU A 144 -32.30 24.40 8.31
C LEU A 144 -33.20 24.88 9.46
N ALA A 145 -33.26 24.08 10.52
CA ALA A 145 -33.94 24.43 11.77
C ALA A 145 -33.43 25.71 12.44
N GLN A 146 -32.20 26.09 12.14
CA GLN A 146 -31.56 27.17 12.88
C GLN A 146 -31.56 28.51 12.17
N VAL A 147 -32.45 28.67 11.20
CA VAL A 147 -32.51 29.87 10.36
C VAL A 147 -33.92 30.46 10.31
N GLY A 148 -34.02 31.78 10.51
CA GLY A 148 -35.25 32.57 10.34
C GLY A 148 -35.00 34.09 10.35
N ALA A 154 -29.97 32.05 3.32
CA ALA A 154 -29.14 32.16 2.12
C ALA A 154 -27.67 32.51 2.44
N SER A 155 -27.47 33.19 3.58
CA SER A 155 -26.15 33.36 4.16
C SER A 155 -25.65 32.06 4.84
N HIS A 156 -26.48 31.00 4.79
CA HIS A 156 -26.11 29.72 5.39
C HIS A 156 -25.43 28.76 4.37
N GLU A 157 -25.36 29.19 3.11
CA GLU A 157 -24.80 28.42 2.01
C GLU A 157 -23.69 27.45 2.42
N ASN A 158 -22.52 28.00 2.72
CA ASN A 158 -21.33 27.19 3.00
C ASN A 158 -21.57 26.27 4.18
N ARG A 159 -22.27 26.77 5.17
CA ARG A 159 -22.49 25.98 6.32
C ARG A 159 -23.20 24.73 5.81
N ILE A 160 -24.21 24.92 4.97
CA ILE A 160 -24.97 23.78 4.54
C ILE A 160 -24.18 22.85 3.66
N LEU A 161 -23.47 23.38 2.69
CA LEU A 161 -22.64 22.57 1.82
C LEU A 161 -21.53 21.86 2.57
N ALA A 162 -21.15 22.41 3.72
CA ALA A 162 -20.05 21.87 4.49
C ALA A 162 -20.47 20.54 5.06
N THR A 163 -21.58 20.60 5.78
CA THR A 163 -22.28 19.43 6.32
C THR A 163 -22.60 18.40 5.23
N MET A 164 -23.05 18.85 4.07
CA MET A 164 -23.47 17.91 3.05
C MET A 164 -22.26 17.17 2.52
N SER A 165 -21.13 17.85 2.54
CA SER A 165 -19.94 17.37 1.86
C SER A 165 -19.40 16.09 2.52
N CYS A 166 -19.81 15.87 3.77
CA CYS A 166 -19.39 14.68 4.55
C CYS A 166 -20.13 13.41 4.19
N HIS A 167 -21.02 13.48 3.19
CA HIS A 167 -21.96 12.43 2.91
C HIS A 167 -21.91 11.83 1.50
N GLY A 168 -20.75 11.69 0.89
CA GLY A 168 -20.72 10.93 -0.35
C GLY A 168 -20.48 9.45 -0.09
N SER A 169 -19.94 8.77 -1.08
CA SER A 169 -19.70 7.33 -0.98
C SER A 169 -18.41 6.98 -0.21
N ILE A 170 -17.53 7.97 -0.04
CA ILE A 170 -16.33 7.79 0.77
C ILE A 170 -16.51 8.41 2.17
N ARG A 171 -16.86 7.60 3.18
CA ARG A 171 -17.01 8.20 4.52
C ARG A 171 -17.11 7.25 5.73
N ALA A 172 -16.05 7.32 6.56
CA ALA A 172 -15.92 6.68 7.88
C ALA A 172 -16.11 5.18 7.86
N GLY A 173 -15.01 4.46 8.10
CA GLY A 173 -15.06 3.01 8.29
C GLY A 173 -15.77 2.27 7.17
N ARG A 174 -16.03 2.96 6.07
CA ARG A 174 -16.44 2.31 4.82
C ARG A 174 -15.16 1.86 4.12
N ARG A 175 -15.07 0.56 3.78
CA ARG A 175 -13.90 0.04 3.07
C ARG A 175 -14.08 0.14 1.55
N LEU A 176 -13.11 0.74 0.87
CA LEU A 176 -13.21 1.03 -0.55
C LEU A 176 -12.48 0.02 -1.39
N THR A 177 -12.93 -0.14 -2.61
CA THR A 177 -12.24 -0.92 -3.59
C THR A 177 -11.17 -0.05 -4.24
N LEU A 178 -10.24 -0.67 -4.95
CA LEU A 178 -9.17 0.09 -5.54
C LEU A 178 -9.68 1.03 -6.66
N PRO A 179 -10.74 0.63 -7.39
CA PRO A 179 -11.35 1.56 -8.35
C PRO A 179 -12.04 2.74 -7.71
N GLU A 180 -12.68 2.55 -6.57
CA GLU A 180 -13.31 3.64 -5.86
C GLU A 180 -12.25 4.64 -5.36
N MET A 181 -11.15 4.11 -4.87
CA MET A 181 -10.04 4.90 -4.42
C MET A 181 -9.46 5.73 -5.60
N ASN A 182 -9.28 5.11 -6.75
CA ASN A 182 -8.83 5.84 -7.93
C ASN A 182 -9.78 6.93 -8.42
N ALA A 183 -11.08 6.63 -8.40
CA ALA A 183 -12.06 7.65 -8.77
C ALA A 183 -11.95 8.88 -7.86
N LEU A 184 -11.68 8.69 -6.59
CA LEU A 184 -11.42 9.92 -5.78
C LEU A 184 -10.14 10.66 -6.25
N LEU A 185 -9.12 9.92 -6.67
CA LEU A 185 -7.82 10.58 -7.00
C LEU A 185 -7.99 11.42 -8.27
N ARG A 186 -8.67 10.82 -9.26
CA ARG A 186 -9.00 11.51 -10.50
C ARG A 186 -9.88 12.71 -10.17
N ASP A 187 -10.77 12.54 -9.22
CA ASP A 187 -11.62 13.66 -8.87
C ASP A 187 -10.77 14.82 -8.33
N MET A 188 -9.79 14.46 -7.48
CA MET A 188 -8.96 15.45 -6.83
C MET A 188 -8.22 16.25 -7.88
N GLU A 189 -7.68 15.52 -8.85
CA GLU A 189 -6.94 16.15 -9.91
C GLU A 189 -7.82 17.13 -10.67
N ASN A 190 -9.13 16.94 -10.57
CA ASN A 190 -10.07 17.69 -11.37
C ASN A 190 -10.78 18.72 -10.52
N THR A 191 -10.28 18.92 -9.30
CA THR A 191 -10.93 19.82 -8.37
C THR A 191 -10.00 20.94 -7.88
N PRO A 192 -10.46 22.21 -7.96
CA PRO A 192 -9.54 23.21 -7.43
C PRO A 192 -9.52 23.12 -5.90
N ARG A 193 -8.42 23.59 -5.30
CA ARG A 193 -8.23 23.53 -3.85
C ARG A 193 -8.39 22.13 -3.20
N SER A 194 -8.27 21.07 -4.01
CA SER A 194 -8.23 19.70 -3.53
C SER A 194 -7.08 19.42 -2.56
N ASN A 195 -6.09 20.29 -2.59
CA ASN A 195 -4.81 20.16 -1.89
C ASN A 195 -4.86 20.53 -0.41
N GLN A 196 -5.81 21.38 -0.05
CA GLN A 196 -6.05 21.79 1.33
C GLN A 196 -7.47 21.51 1.78
N CYS A 197 -7.63 21.16 3.06
CA CYS A 197 -8.96 21.07 3.70
C CYS A 197 -9.34 22.43 4.32
N ASN A 198 -10.25 22.43 5.29
CA ASN A 198 -10.72 23.66 5.92
C ASN A 198 -9.58 24.39 6.64
N HIS A 199 -8.96 23.71 7.59
CA HIS A 199 -7.85 24.26 8.34
C HIS A 199 -6.74 24.83 7.43
N GLY A 200 -6.72 24.47 6.15
CA GLY A 200 -5.51 24.70 5.34
C GLY A 200 -4.50 23.58 5.58
N ARG A 201 -5.03 22.38 5.69
CA ARG A 201 -4.22 21.24 6.00
C ARG A 201 -4.11 20.53 4.69
N PRO A 202 -2.92 20.01 4.36
CA PRO A 202 -2.86 19.25 3.14
C PRO A 202 -3.80 18.05 3.17
N THR A 203 -4.26 17.77 1.99
CA THR A 203 -5.08 16.62 1.77
C THR A 203 -4.21 15.36 1.44
N TRP A 204 -3.00 15.61 1.01
CA TRP A 204 -2.16 14.50 0.59
C TRP A 204 -0.71 14.85 0.80
N VAL A 205 0.11 13.84 0.81
CA VAL A 205 1.51 14.01 1.10
C VAL A 205 2.25 13.06 0.17
N LYS A 206 3.35 13.52 -0.39
CA LYS A 206 4.08 12.75 -1.35
C LYS A 206 5.46 12.45 -0.82
N LEU A 207 5.91 11.20 -0.94
CA LEU A 207 7.26 10.77 -0.59
C LEU A 207 7.95 10.17 -1.82
N THR A 208 9.06 10.76 -2.26
CA THR A 208 9.74 10.31 -3.49
C THR A 208 10.62 9.13 -3.12
N LEU A 209 10.99 8.33 -4.11
CA LEU A 209 11.99 7.29 -3.92
C LEU A 209 13.18 7.77 -3.11
N LYS A 210 13.74 8.93 -3.45
CA LYS A 210 14.94 9.43 -2.75
C LYS A 210 14.65 9.71 -1.29
N GLU A 211 13.52 10.36 -1.02
CA GLU A 211 13.07 10.63 0.32
C GLU A 211 12.76 9.34 1.03
N LEU A 212 12.13 8.41 0.34
CA LEU A 212 11.88 7.15 1.02
C LEU A 212 13.20 6.59 1.48
N ASP A 213 14.23 6.57 0.62
CA ASP A 213 15.49 5.96 1.00
C ASP A 213 16.18 6.72 2.11
N THR A 214 15.90 8.01 2.20
CA THR A 214 16.47 8.85 3.21
C THR A 214 15.99 8.45 4.61
N LEU A 215 14.84 7.81 4.70
CA LEU A 215 14.27 7.48 6.02
C LEU A 215 14.98 6.29 6.57
N PHE A 216 15.75 5.63 5.72
CA PHE A 216 16.49 4.49 6.14
C PHE A 216 17.85 4.97 6.69
N LEU B 26 -2.10 -8.39 17.12
CA LEU B 26 -1.49 -9.43 16.25
C LEU B 26 0.05 -9.14 15.92
N PRO B 27 0.65 -9.79 14.88
CA PRO B 27 2.13 -9.91 14.87
C PRO B 27 2.88 -8.57 14.77
N PRO B 28 4.14 -8.50 15.25
CA PRO B 28 4.83 -7.23 15.39
C PRO B 28 5.04 -6.50 14.08
N LEU B 29 5.26 -7.25 13.00
CA LEU B 29 5.48 -6.68 11.67
C LEU B 29 4.17 -6.60 10.87
N GLY B 30 3.04 -6.95 11.49
CA GLY B 30 1.70 -6.67 10.94
C GLY B 30 1.45 -7.45 9.68
N PHE B 31 0.59 -6.93 8.79
CA PHE B 31 0.20 -7.70 7.59
C PHE B 31 0.39 -6.95 6.31
N ALA B 32 0.85 -7.66 5.29
CA ALA B 32 1.17 -7.06 4.01
C ALA B 32 -0.05 -6.44 3.37
N ILE B 33 0.15 -5.28 2.78
CA ILE B 33 -0.96 -4.48 2.31
C ILE B 33 -0.79 -4.16 0.84
N ALA B 34 0.47 -4.13 0.38
CA ALA B 34 0.86 -3.76 -0.98
C ALA B 34 2.35 -3.75 -1.08
N GLN B 35 2.83 -3.76 -2.30
CA GLN B 35 4.24 -3.64 -2.66
C GLN B 35 4.38 -2.29 -3.39
N LEU B 36 5.54 -1.64 -3.34
CA LEU B 36 5.58 -0.28 -3.84
C LEU B 36 6.36 -0.18 -5.15
N LEU B 37 7.16 0.84 -5.33
CA LEU B 37 8.01 0.88 -6.52
C LEU B 37 8.96 -0.34 -6.61
N GLY B 38 8.40 -1.56 -6.62
CA GLY B 38 9.17 -2.81 -6.69
C GLY B 38 10.10 -3.10 -5.52
N ILE B 39 10.41 -2.09 -4.73
CA ILE B 39 11.45 -2.16 -3.72
C ILE B 39 10.91 -2.43 -2.33
N TYR B 40 9.65 -2.09 -2.14
CA TYR B 40 9.13 -2.06 -0.80
C TYR B 40 7.88 -2.86 -0.54
N ILE B 41 7.84 -3.43 0.65
CA ILE B 41 6.63 -4.02 1.10
C ILE B 41 6.07 -3.06 2.15
N LEU B 42 4.79 -2.76 2.00
CA LEU B 42 4.08 -1.94 2.91
C LEU B 42 3.23 -2.88 3.72
N ALA B 43 3.22 -2.71 5.03
CA ALA B 43 2.41 -3.55 5.91
C ALA B 43 1.73 -2.69 6.96
N GLN B 44 0.65 -3.23 7.50
CA GLN B 44 -0.14 -2.52 8.47
C GLN B 44 0.04 -3.26 9.78
N ALA B 45 0.55 -2.57 10.79
CA ALA B 45 0.69 -3.17 12.10
C ALA B 45 -0.24 -2.43 13.05
N GLU B 46 -0.34 -2.87 14.29
CA GLU B 46 -1.26 -2.20 15.21
C GLU B 46 -0.91 -0.71 15.23
N ASP B 47 -1.87 0.14 14.87
CA ASP B 47 -1.62 1.58 14.75
C ASP B 47 -0.41 2.04 13.95
N SER B 48 0.03 1.29 12.95
CA SER B 48 1.17 1.76 12.21
C SER B 48 1.32 1.21 10.78
N LEU B 49 2.11 1.96 9.98
CA LEU B 49 2.57 1.53 8.70
C LEU B 49 4.03 1.08 8.85
N LEU B 50 4.34 -0.05 8.25
CA LEU B 50 5.71 -0.50 8.11
C LEU B 50 6.08 -0.45 6.65
N LEU B 51 7.30 -0.03 6.40
CA LEU B 51 7.85 -0.04 5.06
C LEU B 51 9.06 -0.92 5.21
N ILE B 52 9.04 -2.07 4.52
CA ILE B 52 10.12 -3.04 4.58
C ILE B 52 10.86 -3.03 3.25
N ASP B 53 12.16 -2.75 3.33
CA ASP B 53 13.11 -2.91 2.24
C ASP B 53 13.22 -4.41 1.96
N MET B 54 12.49 -4.86 0.95
CA MET B 54 12.23 -6.28 0.82
C MET B 54 13.49 -7.10 0.48
N HIS B 55 14.31 -6.57 -0.41
CA HIS B 55 15.53 -7.26 -0.76
C HIS B 55 16.47 -7.31 0.41
N ALA B 56 16.70 -6.18 1.05
CA ALA B 56 17.57 -6.19 2.19
C ALA B 56 17.00 -7.10 3.27
N ALA B 57 15.69 -7.18 3.41
CA ALA B 57 15.13 -8.05 4.42
C ALA B 57 15.28 -9.55 4.06
N ALA B 58 15.02 -9.87 2.80
CA ALA B 58 15.07 -11.26 2.36
C ALA B 58 16.49 -11.83 2.48
N GLU B 59 17.48 -10.96 2.34
CA GLU B 59 18.89 -11.31 2.44
C GLU B 59 19.26 -11.70 3.84
N ARG B 60 18.71 -10.98 4.80
CA ARG B 60 19.09 -11.13 6.18
C ARG B 60 18.55 -12.51 6.61
N VAL B 61 17.29 -12.76 6.31
CA VAL B 61 16.64 -14.02 6.62
C VAL B 61 17.46 -15.14 6.00
N ASN B 62 17.80 -14.97 4.72
CA ASN B 62 18.53 -15.98 4.02
C ASN B 62 19.88 -16.27 4.67
N TYR B 63 20.62 -15.21 4.95
CA TYR B 63 21.93 -15.32 5.55
C TYR B 63 21.83 -16.12 6.85
N GLU B 64 20.87 -15.77 7.72
CA GLU B 64 20.80 -16.35 9.05
C GLU B 64 20.40 -17.82 9.02
N LYS B 65 19.39 -18.12 8.21
CA LYS B 65 18.93 -19.44 7.99
C LYS B 65 20.09 -20.29 7.46
N MET B 66 20.94 -19.71 6.62
CA MET B 66 22.12 -20.44 6.18
C MET B 66 23.21 -20.52 7.25
N LYS B 67 23.47 -19.43 8.00
CA LYS B 67 24.51 -19.45 9.02
C LYS B 67 24.14 -20.50 10.03
N ARG B 68 22.85 -20.58 10.35
CA ARG B 68 22.37 -21.59 11.30
C ARG B 68 22.65 -23.00 10.76
N GLN B 69 22.19 -23.29 9.56
CA GLN B 69 22.31 -24.64 9.04
C GLN B 69 23.75 -25.08 8.95
N ARG B 70 24.62 -24.21 8.45
CA ARG B 70 26.06 -24.47 8.36
C ARG B 70 26.64 -24.79 9.73
N GLN B 71 26.01 -24.22 10.76
CA GLN B 71 26.39 -24.49 12.14
C GLN B 71 25.82 -25.85 12.65
N GLU B 72 24.54 -26.14 12.35
CA GLU B 72 23.84 -27.32 12.92
C GLU B 72 23.95 -28.65 12.14
N ASN B 73 24.07 -28.59 10.82
CA ASN B 73 24.31 -29.79 10.00
C ASN B 73 25.69 -29.81 9.28
N GLY B 74 26.54 -28.82 9.58
CA GLY B 74 27.88 -28.74 8.99
C GLY B 74 27.92 -28.25 7.54
N ASN B 75 26.96 -28.73 6.74
CA ASN B 75 26.82 -28.34 5.35
C ASN B 75 25.43 -27.75 5.06
N LEU B 76 25.28 -27.11 3.90
CA LEU B 76 23.95 -26.75 3.41
C LEU B 76 23.42 -27.84 2.50
N GLN B 77 22.13 -28.11 2.57
CA GLN B 77 21.54 -29.18 1.78
C GLN B 77 21.27 -28.72 0.35
N SER B 78 21.69 -29.56 -0.59
CA SER B 78 21.46 -29.34 -2.03
C SER B 78 20.15 -29.95 -2.51
N GLN B 79 19.86 -29.80 -3.79
CA GLN B 79 18.72 -30.44 -4.44
C GLN B 79 19.15 -30.84 -5.85
N HIS B 80 19.15 -32.13 -6.14
CA HIS B 80 19.64 -32.61 -7.46
C HIS B 80 18.75 -32.13 -8.61
N LEU B 81 19.14 -30.98 -9.17
CA LEU B 81 18.52 -30.34 -10.35
C LEU B 81 17.91 -31.32 -11.34
N LEU B 82 16.64 -31.10 -11.69
CA LEU B 82 15.99 -31.97 -12.68
C LEU B 82 16.65 -31.82 -14.06
N ILE B 83 16.88 -30.59 -14.48
CA ILE B 83 17.49 -30.32 -15.79
C ILE B 83 18.80 -29.52 -15.64
N PRO B 84 19.93 -30.22 -15.31
CA PRO B 84 21.28 -29.63 -15.22
C PRO B 84 21.55 -28.45 -16.16
N VAL B 85 21.62 -27.27 -15.56
CA VAL B 85 21.79 -26.01 -16.27
C VAL B 85 23.26 -25.75 -16.58
N THR B 86 23.59 -25.79 -17.87
CA THR B 86 24.95 -25.62 -18.32
C THR B 86 25.23 -24.14 -18.62
N PHE B 87 26.48 -23.72 -18.45
CA PHE B 87 26.85 -22.34 -18.74
C PHE B 87 28.34 -22.14 -19.05
N ALA B 88 28.60 -21.12 -19.86
CA ALA B 88 29.95 -20.71 -20.23
C ALA B 88 30.73 -20.08 -19.06
N ALA B 89 31.76 -20.77 -18.58
CA ALA B 89 32.57 -20.34 -17.44
C ALA B 89 33.91 -19.76 -17.90
N SER B 90 34.53 -18.94 -17.06
CA SER B 90 35.91 -18.56 -17.31
C SER B 90 36.89 -19.68 -16.87
N HIS B 91 38.13 -19.61 -17.34
CA HIS B 91 39.16 -20.47 -16.80
C HIS B 91 39.17 -20.32 -15.30
N GLU B 92 39.30 -19.08 -14.83
CA GLU B 92 39.31 -18.77 -13.38
C GLU B 92 38.21 -19.54 -12.67
N GLU B 93 37.01 -19.52 -13.23
CA GLU B 93 35.89 -20.27 -12.62
C GLU B 93 36.09 -21.78 -12.63
N CYS B 94 36.48 -22.33 -13.78
CA CYS B 94 36.87 -23.75 -13.88
C CYS B 94 37.95 -24.19 -12.88
N ALA B 95 38.98 -23.37 -12.71
CA ALA B 95 39.99 -23.59 -11.68
C ALA B 95 39.37 -23.62 -10.29
N ALA B 96 38.46 -22.68 -10.00
CA ALA B 96 37.87 -22.65 -8.66
C ALA B 96 37.11 -23.95 -8.39
N LEU B 97 36.42 -24.48 -9.41
CA LEU B 97 35.63 -25.67 -9.23
C LEU B 97 36.57 -26.83 -8.91
N ALA B 98 37.67 -26.92 -9.66
CA ALA B 98 38.65 -28.00 -9.50
C ALA B 98 39.28 -27.99 -8.12
N ASP B 99 39.50 -26.81 -7.55
CA ASP B 99 40.15 -26.71 -6.25
C ASP B 99 39.20 -26.85 -5.06
N HIS B 100 37.91 -26.61 -5.27
CA HIS B 100 36.99 -26.46 -4.14
C HIS B 100 35.71 -27.26 -4.25
N ALA B 101 35.76 -28.37 -5.00
CA ALA B 101 34.65 -29.33 -5.15
C ALA B 101 33.99 -29.66 -3.79
N GLU B 102 34.85 -30.01 -2.85
CA GLU B 102 34.43 -30.28 -1.49
C GLU B 102 33.66 -29.08 -0.94
N THR B 103 34.32 -27.93 -0.87
CA THR B 103 33.72 -26.74 -0.26
C THR B 103 32.34 -26.40 -0.88
N LEU B 104 32.23 -26.50 -2.19
CA LEU B 104 30.97 -26.27 -2.90
C LEU B 104 29.84 -27.21 -2.47
N ALA B 105 30.19 -28.46 -2.19
CA ALA B 105 29.21 -29.37 -1.58
C ALA B 105 28.88 -28.90 -0.17
N GLY B 106 29.87 -28.32 0.51
CA GLY B 106 29.63 -27.71 1.81
C GLY B 106 28.53 -26.67 1.77
N PHE B 107 28.38 -26.00 0.62
CA PHE B 107 27.37 -24.97 0.44
C PHE B 107 26.21 -25.43 -0.45
N GLY B 108 25.97 -26.73 -0.49
CA GLY B 108 24.86 -27.28 -1.26
C GLY B 108 24.88 -27.06 -2.77
N LEU B 109 26.09 -26.96 -3.34
CA LEU B 109 26.25 -26.74 -4.77
C LEU B 109 27.04 -27.87 -5.45
N GLU B 110 26.43 -28.53 -6.43
CA GLU B 110 27.17 -29.52 -7.20
C GLU B 110 27.36 -29.10 -8.63
N LEU B 111 28.59 -29.16 -9.09
CA LEU B 111 28.92 -28.74 -10.43
C LEU B 111 29.90 -29.70 -11.07
N SER B 112 29.86 -29.80 -12.39
CA SER B 112 30.88 -30.54 -13.07
C SER B 112 31.38 -29.79 -14.27
N ASP B 113 32.65 -30.01 -14.58
CA ASP B 113 33.36 -29.31 -15.60
C ASP B 113 33.29 -30.20 -16.81
N MET B 114 32.60 -29.78 -17.87
CA MET B 114 32.62 -30.65 -19.06
C MET B 114 33.26 -30.12 -20.33
N GLY B 115 34.49 -29.65 -20.19
CA GLY B 115 35.29 -29.25 -21.34
C GLY B 115 34.89 -27.94 -21.98
N GLY B 116 35.82 -27.38 -22.76
CA GLY B 116 35.63 -26.10 -23.47
C GLY B 116 35.05 -24.98 -22.62
N ASN B 117 35.51 -24.90 -21.37
CA ASN B 117 35.04 -23.95 -20.38
C ASN B 117 33.51 -23.90 -20.06
N THR B 118 32.84 -25.03 -20.23
CA THR B 118 31.43 -25.17 -19.88
C THR B 118 31.33 -25.86 -18.52
N LEU B 119 30.62 -25.22 -17.59
CA LEU B 119 30.32 -25.86 -16.32
C LEU B 119 28.86 -26.28 -16.26
N ALA B 120 28.57 -27.29 -15.45
CA ALA B 120 27.20 -27.72 -15.27
C ALA B 120 26.82 -27.68 -13.80
N VAL B 121 25.65 -27.11 -13.51
CA VAL B 121 25.13 -27.10 -12.15
C VAL B 121 24.29 -28.35 -11.95
N ARG B 122 24.78 -29.25 -11.08
CA ARG B 122 24.15 -30.54 -10.79
C ARG B 122 23.12 -30.43 -9.67
N ALA B 123 23.36 -29.49 -8.75
CA ALA B 123 22.59 -29.40 -7.53
C ALA B 123 22.81 -28.07 -6.84
N ALA B 124 21.70 -27.46 -6.41
CA ALA B 124 21.70 -26.15 -5.79
C ALA B 124 21.03 -26.26 -4.43
N PRO B 125 21.31 -25.31 -3.52
CA PRO B 125 20.76 -25.32 -2.15
C PRO B 125 19.23 -25.33 -2.09
N VAL B 126 18.66 -26.14 -1.20
CA VAL B 126 17.21 -26.20 -1.08
C VAL B 126 16.70 -24.82 -0.68
N MET B 127 17.38 -24.22 0.28
CA MET B 127 16.88 -22.98 0.85
C MET B 127 17.12 -21.71 0.05
N LEU B 128 17.33 -21.82 -1.26
CA LEU B 128 17.33 -20.64 -2.13
C LEU B 128 16.42 -20.80 -3.34
N GLY B 129 15.63 -21.88 -3.36
CA GLY B 129 14.58 -22.10 -4.36
C GLY B 129 15.01 -21.67 -5.74
N LYS B 130 16.14 -22.25 -6.17
CA LYS B 130 16.76 -22.05 -7.50
C LYS B 130 16.86 -20.58 -7.93
N SER B 131 16.25 -20.27 -9.09
CA SER B 131 16.32 -18.96 -9.76
C SER B 131 17.76 -18.58 -10.17
N ASP B 132 17.94 -18.11 -11.41
CA ASP B 132 19.30 -17.97 -12.01
C ASP B 132 20.35 -18.72 -11.18
N VAL B 133 20.34 -20.05 -11.31
CA VAL B 133 21.31 -20.94 -10.67
C VAL B 133 22.75 -20.64 -11.07
N VAL B 134 22.89 -20.27 -12.33
CA VAL B 134 24.13 -19.80 -12.90
C VAL B 134 24.66 -18.61 -12.09
N SER B 135 23.82 -17.61 -11.90
CA SER B 135 24.25 -16.40 -11.25
C SER B 135 24.77 -16.67 -9.84
N LEU B 136 24.09 -17.57 -9.13
CA LEU B 136 24.52 -18.12 -7.84
C LEU B 136 25.88 -18.81 -7.98
N ALA B 137 25.95 -19.79 -8.87
CA ALA B 137 27.19 -20.51 -9.10
C ALA B 137 28.35 -19.56 -9.31
N ARG B 138 28.24 -18.73 -10.33
CA ARG B 138 29.25 -17.75 -10.63
C ARG B 138 29.81 -17.05 -9.39
N ASP B 139 28.88 -16.56 -8.56
CA ASP B 139 29.19 -15.67 -7.47
C ASP B 139 30.04 -16.34 -6.41
N VAL B 140 29.74 -17.63 -6.20
CA VAL B 140 30.40 -18.46 -5.22
C VAL B 140 31.75 -18.86 -5.74
N LEU B 141 31.81 -19.35 -6.98
CA LEU B 141 33.10 -19.54 -7.67
C LEU B 141 33.92 -18.28 -7.55
N GLY B 142 33.26 -17.14 -7.75
CA GLY B 142 33.90 -15.85 -7.70
C GLY B 142 34.50 -15.58 -6.34
N GLU B 143 33.83 -16.07 -5.30
CA GLU B 143 34.25 -15.80 -3.95
C GLU B 143 35.42 -16.69 -3.58
N LEU B 144 35.28 -17.96 -3.95
CA LEU B 144 36.28 -18.96 -3.76
C LEU B 144 37.59 -18.63 -4.49
N ALA B 145 37.46 -18.08 -5.69
CA ALA B 145 38.61 -17.58 -6.43
C ALA B 145 39.51 -16.74 -5.53
N GLN B 146 38.92 -15.87 -4.72
CA GLN B 146 39.65 -14.91 -3.90
C GLN B 146 40.58 -15.52 -2.82
N VAL B 147 40.25 -16.72 -2.37
CA VAL B 147 40.87 -17.31 -1.16
C VAL B 147 42.41 -17.36 -1.10
N GLY B 148 43.07 -17.29 -2.26
CA GLY B 148 44.55 -17.35 -2.33
C GLY B 148 45.30 -16.39 -1.41
N ALA B 154 38.01 -21.73 4.16
CA ALA B 154 38.49 -21.49 5.52
C ALA B 154 37.36 -20.84 6.36
N SER B 155 37.60 -19.63 6.85
CA SER B 155 36.56 -18.88 7.57
C SER B 155 36.12 -17.71 6.69
N HIS B 156 36.30 -17.87 5.38
CA HIS B 156 35.66 -17.00 4.38
C HIS B 156 34.12 -17.17 4.39
N GLU B 157 33.62 -18.01 5.31
CA GLU B 157 32.21 -18.43 5.42
C GLU B 157 31.17 -17.29 5.33
N ASN B 158 31.29 -16.31 6.21
CA ASN B 158 30.27 -15.28 6.31
C ASN B 158 30.17 -14.53 5.00
N ARG B 159 31.32 -14.12 4.49
CA ARG B 159 31.42 -13.45 3.22
C ARG B 159 30.70 -14.25 2.12
N ILE B 160 30.85 -15.58 2.15
CA ILE B 160 30.34 -16.43 1.07
C ILE B 160 28.84 -16.57 1.20
N LEU B 161 28.38 -16.72 2.42
CA LEU B 161 26.96 -16.81 2.65
C LEU B 161 26.25 -15.48 2.34
N ALA B 162 26.90 -14.37 2.64
CA ALA B 162 26.34 -13.04 2.38
C ALA B 162 26.09 -12.92 0.91
N THR B 163 27.09 -13.33 0.14
CA THR B 163 26.99 -13.37 -1.30
C THR B 163 25.90 -14.33 -1.70
N MET B 164 25.81 -15.46 -1.03
CA MET B 164 24.76 -16.43 -1.35
C MET B 164 23.40 -15.92 -0.89
N SER B 165 23.39 -15.04 0.12
CA SER B 165 22.12 -14.55 0.67
C SER B 165 21.28 -13.69 -0.34
N CYS B 166 21.94 -13.10 -1.31
CA CYS B 166 21.29 -12.29 -2.32
C CYS B 166 20.49 -13.06 -3.40
N HIS B 167 20.44 -14.38 -3.32
CA HIS B 167 20.03 -15.17 -4.49
C HIS B 167 18.75 -15.96 -4.40
N GLY B 168 17.97 -15.73 -3.35
CA GLY B 168 16.73 -16.48 -3.11
C GLY B 168 15.52 -16.14 -3.98
N SER B 169 14.35 -16.66 -3.58
CA SER B 169 13.11 -16.47 -4.34
C SER B 169 12.73 -14.98 -4.55
N ILE B 170 12.88 -14.21 -3.49
CA ILE B 170 12.61 -12.77 -3.46
C ILE B 170 13.94 -12.01 -3.62
N ARG B 171 14.04 -11.19 -4.66
CA ARG B 171 15.20 -10.30 -4.91
C ARG B 171 15.31 -9.94 -6.41
N ALA B 172 15.69 -8.69 -6.71
CA ALA B 172 15.82 -8.09 -8.08
C ALA B 172 14.53 -8.08 -8.90
N GLY B 173 14.02 -9.27 -9.25
CA GLY B 173 12.65 -9.41 -9.79
C GLY B 173 11.65 -9.16 -8.68
N ARG B 174 10.38 -8.99 -9.04
CA ARG B 174 9.38 -8.55 -8.06
C ARG B 174 8.10 -9.37 -8.13
N ARG B 175 6.96 -8.69 -8.10
CA ARG B 175 5.62 -9.27 -8.30
C ARG B 175 5.20 -10.35 -7.26
N LEU B 176 5.41 -10.05 -5.99
CA LEU B 176 5.02 -10.97 -4.94
C LEU B 176 3.54 -10.87 -4.65
N THR B 177 2.96 -11.98 -4.22
CA THR B 177 1.60 -11.98 -3.71
C THR B 177 1.62 -11.53 -2.26
N LEU B 178 0.46 -11.12 -1.78
CA LEU B 178 0.35 -10.74 -0.40
C LEU B 178 0.75 -11.92 0.53
N PRO B 179 0.32 -13.16 0.21
CA PRO B 179 0.80 -14.18 1.14
C PRO B 179 2.29 -14.42 1.03
N GLU B 180 2.88 -14.19 -0.14
CA GLU B 180 4.33 -14.33 -0.24
C GLU B 180 5.04 -13.30 0.67
N MET B 181 4.44 -12.10 0.73
CA MET B 181 4.92 -10.98 1.51
C MET B 181 4.75 -11.22 3.02
N ASN B 182 3.58 -11.69 3.38
CA ASN B 182 3.33 -12.19 4.71
C ASN B 182 4.32 -13.25 5.19
N ALA B 183 4.63 -14.21 4.30
CA ALA B 183 5.58 -15.28 4.64
C ALA B 183 6.90 -14.63 5.00
N LEU B 184 7.24 -13.57 4.27
CA LEU B 184 8.53 -12.94 4.54
C LEU B 184 8.55 -12.27 5.89
N LEU B 185 7.45 -11.63 6.28
CA LEU B 185 7.48 -10.85 7.51
C LEU B 185 7.45 -11.82 8.69
N ARG B 186 6.81 -12.96 8.46
CA ARG B 186 6.83 -14.03 9.41
C ARG B 186 8.26 -14.56 9.60
N ASP B 187 8.97 -14.82 8.49
CA ASP B 187 10.33 -15.32 8.59
C ASP B 187 11.16 -14.30 9.39
N MET B 188 11.03 -13.03 9.00
CA MET B 188 11.72 -11.91 9.64
C MET B 188 11.52 -11.91 11.15
N GLU B 189 10.27 -12.08 11.59
CA GLU B 189 9.97 -12.14 13.01
C GLU B 189 10.72 -13.26 13.71
N ASN B 190 11.10 -14.29 12.96
CA ASN B 190 11.92 -15.35 13.53
C ASN B 190 13.42 -15.25 13.24
N THR B 191 13.84 -14.06 12.81
CA THR B 191 15.20 -13.86 12.36
C THR B 191 16.01 -12.94 13.26
N PRO B 192 17.01 -13.53 13.94
CA PRO B 192 17.85 -12.97 15.00
C PRO B 192 18.71 -11.75 14.64
N ARG B 193 18.45 -11.10 13.51
CA ARG B 193 18.91 -9.74 13.27
C ARG B 193 18.16 -9.12 12.10
N SER B 194 16.86 -9.44 12.06
CA SER B 194 15.92 -8.61 11.34
C SER B 194 16.37 -7.20 11.64
N ASN B 195 15.89 -6.23 10.88
CA ASN B 195 16.22 -4.82 11.12
C ASN B 195 17.66 -4.42 10.86
N GLN B 196 18.39 -5.26 10.13
CA GLN B 196 19.80 -4.99 9.83
C GLN B 196 20.19 -5.67 8.50
N CYS B 197 20.67 -4.91 7.54
CA CYS B 197 21.16 -5.53 6.29
C CYS B 197 22.59 -6.02 6.52
N ASN B 198 23.14 -6.77 5.55
CA ASN B 198 24.53 -7.25 5.70
C ASN B 198 25.46 -6.06 5.95
N HIS B 199 24.99 -4.86 5.59
CA HIS B 199 25.82 -3.65 5.66
C HIS B 199 25.51 -2.61 6.77
N GLY B 200 24.65 -2.94 7.73
CA GLY B 200 24.37 -2.04 8.87
C GLY B 200 23.01 -1.33 8.92
N ARG B 201 22.46 -1.01 7.75
CA ARG B 201 21.20 -0.23 7.63
C ARG B 201 19.95 -0.95 8.18
N PRO B 202 18.90 -0.18 8.50
CA PRO B 202 17.66 -0.87 8.91
C PRO B 202 16.93 -1.47 7.71
N THR B 203 16.21 -2.56 7.94
CA THR B 203 15.51 -3.20 6.85
C THR B 203 14.05 -2.76 6.79
N TRP B 204 13.59 -2.01 7.77
CA TRP B 204 12.23 -1.46 7.76
C TRP B 204 12.12 -0.18 8.56
N VAL B 205 11.10 0.60 8.25
CA VAL B 205 10.78 1.80 8.98
C VAL B 205 9.32 1.65 9.38
N LYS B 206 8.97 2.17 10.55
CA LYS B 206 7.62 2.18 11.11
C LYS B 206 7.21 3.63 11.29
N LEU B 207 6.01 3.96 10.81
CA LEU B 207 5.39 5.24 11.07
C LEU B 207 4.11 4.97 11.82
N THR B 208 4.03 5.49 13.05
CA THR B 208 2.85 5.34 13.90
C THR B 208 1.75 6.29 13.42
N LEU B 209 0.52 6.03 13.86
CA LEU B 209 -0.61 6.93 13.55
C LEU B 209 -0.27 8.39 13.88
N LYS B 210 0.42 8.57 14.98
CA LYS B 210 0.78 9.88 15.47
C LYS B 210 1.68 10.52 14.46
N GLU B 211 2.72 9.81 14.02
CA GLU B 211 3.66 10.42 13.15
C GLU B 211 3.03 10.66 11.74
N LEU B 212 2.24 9.69 11.26
CA LEU B 212 1.54 9.86 10.00
C LEU B 212 0.75 11.16 9.99
N ASP B 213 0.02 11.41 11.06
CA ASP B 213 -0.84 12.59 11.18
C ASP B 213 0.03 13.84 11.06
N THR B 214 1.16 13.77 11.71
CA THR B 214 2.13 14.81 11.67
C THR B 214 2.61 15.14 10.24
N LEU B 215 2.53 14.19 9.32
CA LEU B 215 2.91 14.53 7.96
C LEU B 215 1.98 15.58 7.36
N PHE B 216 0.81 15.76 7.94
CA PHE B 216 -0.24 16.57 7.31
C PHE B 216 -0.33 17.87 8.01
N LEU B 217 0.75 18.18 8.72
CA LEU B 217 0.81 19.43 9.45
C LEU B 217 0.56 20.63 8.54
N ARG B 218 -0.38 21.46 8.97
CA ARG B 218 -0.64 22.82 8.45
C ARG B 218 0.55 23.81 8.29
#